data_4FQE
#
_entry.id   4FQE
#
_cell.length_a   36.856
_cell.length_b   59.674
_cell.length_c   51.564
_cell.angle_alpha   90.000
_cell.angle_beta   106.800
_cell.angle_gamma   90.000
#
_symmetry.space_group_name_H-M   'P 1 21 1'
#
loop_
_entity.id
_entity.type
_entity.pdbx_description
1 polymer 'Oligogalacturonate-specific porin kdgM'
2 non-polymer N-OCTANE
3 non-polymer (HYDROXYETHYLOXY)TRI(ETHYLOXY)OCTANE
4 water water
#
_entity_poly.entity_id   1
_entity_poly.type   'polypeptide(L)'
_entity_poly.pdbx_seq_one_letter_code
;VSIDYRHEMQDTAQAGHKDRLLISHRFANGFGLSSEVKWAQSSADKTPNKPFNEQVSNGTEVVASYVYKFNSVFSIEPGF
SLESGSSNNNYRPYLRGRANVTDDLSVALRYRPYFKRNSGNIGKDNTMDKGYTLTGNIDYTFLKDYTIGYELEYKKGTSG
KTILSDNDDYDITHNVKLSYKWDKNWKPYVEVGNVSGSETTDERQTRYRVGVQYSFHHHHHH
;
_entity_poly.pdbx_strand_id   A
#
loop_
_chem_comp.id
_chem_comp.type
_chem_comp.name
_chem_comp.formula
C8E non-polymer (HYDROXYETHYLOXY)TRI(ETHYLOXY)OCTANE 'C16 H34 O5'
OCT non-polymer N-OCTANE 'C8 H18'
#
# COMPACT_ATOMS: atom_id res chain seq x y z
N VAL A 1 3.80 15.95 2.56
CA VAL A 1 2.55 15.41 3.08
C VAL A 1 1.57 15.14 1.95
N SER A 2 0.99 13.96 1.95
CA SER A 2 -0.09 13.64 1.07
C SER A 2 -1.32 13.11 1.83
N ILE A 3 -2.48 13.33 1.24
CA ILE A 3 -3.75 12.81 1.74
C ILE A 3 -4.37 12.02 0.58
N ASP A 4 -4.75 10.79 0.87
CA ASP A 4 -5.16 9.85 -0.14
C ASP A 4 -6.54 9.36 0.27
N TYR A 5 -7.52 9.66 -0.56
CA TYR A 5 -8.84 9.10 -0.43
C TYR A 5 -9.08 7.99 -1.44
N ARG A 6 -9.70 6.90 -1.00
CA ARG A 6 -9.91 5.74 -1.86
C ARG A 6 -11.26 5.09 -1.54
N HIS A 7 -11.99 4.71 -2.58
CA HIS A 7 -13.24 3.96 -2.49
C HIS A 7 -13.04 2.61 -3.12
N GLU A 8 -13.52 1.56 -2.47
CA GLU A 8 -13.33 0.18 -2.94
C GLU A 8 -14.67 -0.51 -2.97
N MET A 9 -14.89 -1.34 -3.98
CA MET A 9 -16.08 -2.20 -4.07
CA MET A 9 -16.08 -2.20 -4.01
C MET A 9 -15.66 -3.52 -4.69
N GLN A 10 -16.44 -4.58 -4.49
CA GLN A 10 -16.18 -5.82 -5.22
C GLN A 10 -17.28 -6.05 -6.22
N ASP A 11 -17.55 -7.32 -6.55
CA ASP A 11 -18.72 -7.67 -7.33
C ASP A 11 -19.06 -9.14 -7.13
N GLY A 16 -20.50 -4.99 -0.18
CA GLY A 16 -20.66 -3.61 0.30
C GLY A 16 -19.69 -2.64 -0.36
N HIS A 17 -19.07 -1.80 0.45
CA HIS A 17 -18.09 -0.85 0.00
C HIS A 17 -17.20 -0.53 1.13
N LYS A 18 -16.02 -0.04 0.79
CA LYS A 18 -15.05 0.45 1.78
C LYS A 18 -14.55 1.82 1.36
N ASP A 19 -14.32 2.69 2.35
CA ASP A 19 -13.66 3.95 2.11
C ASP A 19 -12.49 4.14 3.08
N ARG A 20 -11.53 4.95 2.66
CA ARG A 20 -10.40 5.25 3.53
C ARG A 20 -9.85 6.66 3.32
N LEU A 21 -9.21 7.20 4.34
CA LEU A 21 -8.44 8.40 4.19
C LEU A 21 -7.09 8.17 4.85
N LEU A 22 -6.03 8.32 4.07
CA LEU A 22 -4.64 7.97 4.48
C LEU A 22 -3.79 9.19 4.30
N ILE A 23 -3.22 9.66 5.41
CA ILE A 23 -2.37 10.81 5.43
C ILE A 23 -0.95 10.36 5.75
N SER A 24 0.03 10.81 4.99
CA SER A 24 1.38 10.35 5.22
C SER A 24 2.44 11.32 4.81
N HIS A 25 3.62 11.13 5.34
CA HIS A 25 4.75 11.95 4.95
C HIS A 25 6.03 11.14 5.10
N ARG A 26 6.95 11.31 4.16
CA ARG A 26 8.30 10.75 4.27
C ARG A 26 9.24 11.94 4.33
N PHE A 27 10.03 12.01 5.39
CA PHE A 27 11.01 13.07 5.57
C PHE A 27 12.25 12.73 4.75
N ALA A 28 13.06 13.76 4.47
CA ALA A 28 14.27 13.57 3.65
C ALA A 28 15.28 12.68 4.36
N ASN A 29 15.25 12.63 5.69
CA ASN A 29 16.09 11.70 6.44
C ASN A 29 15.69 10.23 6.32
N GLY A 30 14.55 9.93 5.70
CA GLY A 30 14.10 8.56 5.53
C GLY A 30 12.98 8.15 6.47
N PHE A 31 12.75 8.92 7.53
CA PHE A 31 11.69 8.57 8.49
C PHE A 31 10.33 8.84 7.88
N GLY A 32 9.38 7.93 8.08
CA GLY A 32 8.04 8.11 7.53
C GLY A 32 7.00 7.79 8.57
N LEU A 33 5.83 8.42 8.43
CA LEU A 33 4.72 8.27 9.35
C LEU A 33 3.46 8.37 8.54
N SER A 34 2.48 7.51 8.83
CA SER A 34 1.17 7.64 8.21
C SER A 34 0.08 7.34 9.21
N SER A 35 -1.12 7.88 8.96
CA SER A 35 -2.27 7.56 9.79
C SER A 35 -3.45 7.35 8.81
N GLU A 36 -4.24 6.32 9.02
CA GLU A 36 -5.33 6.00 8.09
C GLU A 36 -6.59 5.76 8.89
N VAL A 37 -7.71 6.31 8.43
CA VAL A 37 -9.01 6.00 8.98
C VAL A 37 -9.80 5.29 7.89
N LYS A 38 -10.52 4.24 8.28
CA LYS A 38 -11.19 3.36 7.34
C LYS A 38 -12.60 3.16 7.83
N TRP A 39 -13.55 3.15 6.91
CA TRP A 39 -14.93 2.78 7.20
C TRP A 39 -15.55 1.99 6.06
N ALA A 40 -16.43 1.06 6.41
CA ALA A 40 -16.94 0.07 5.48
C ALA A 40 -18.34 -0.35 5.86
N GLN A 41 -19.16 -0.67 4.85
CA GLN A 41 -20.56 -1.04 5.10
C GLN A 41 -20.91 -2.33 4.38
N VAL A 56 -21.89 -2.13 9.55
CA VAL A 56 -20.89 -1.07 9.45
C VAL A 56 -19.63 -1.42 10.25
N SER A 57 -18.46 -1.06 9.74
CA SER A 57 -17.24 -1.18 10.53
C SER A 57 -16.34 0.02 10.31
N ASN A 58 -15.36 0.16 11.20
CA ASN A 58 -14.44 1.26 11.11
C ASN A 58 -13.14 0.85 11.73
N GLY A 59 -12.12 1.63 11.45
CA GLY A 59 -10.77 1.31 11.92
C GLY A 59 -9.79 2.42 11.68
N THR A 60 -8.62 2.32 12.32
CA THR A 60 -7.55 3.27 12.08
C THR A 60 -6.23 2.55 12.11
N GLU A 61 -5.32 2.96 11.24
CA GLU A 61 -3.97 2.37 11.25
C GLU A 61 -2.90 3.45 11.27
N VAL A 62 -1.85 3.22 12.05
CA VAL A 62 -0.70 4.11 12.05
CA VAL A 62 -0.70 4.10 12.09
C VAL A 62 0.52 3.28 11.70
N VAL A 63 1.43 3.88 10.94
CA VAL A 63 2.64 3.21 10.48
C VAL A 63 3.79 4.18 10.70
N ALA A 64 4.86 3.70 11.30
CA ALA A 64 6.15 4.39 11.32
C ALA A 64 7.20 3.52 10.63
N SER A 65 8.10 4.14 9.87
CA SER A 65 9.14 3.43 9.13
C SER A 65 10.35 4.30 8.89
N TYR A 66 11.45 3.63 8.53
CA TYR A 66 12.66 4.30 8.02
C TYR A 66 12.99 3.66 6.66
N VAL A 67 13.26 4.47 5.63
CA VAL A 67 13.85 3.92 4.43
C VAL A 67 15.35 4.18 4.48
N TYR A 68 16.12 3.11 4.45
CA TYR A 68 17.59 3.17 4.48
C TYR A 68 18.11 2.88 3.07
N LYS A 69 18.69 3.87 2.42
CA LYS A 69 19.16 3.71 1.02
C LYS A 69 20.63 3.37 1.01
N PHE A 70 20.97 2.17 0.55
CA PHE A 70 22.37 1.80 0.40
C PHE A 70 23.04 2.58 -0.70
N ASN A 71 22.29 2.79 -1.78
CA ASN A 71 22.76 3.52 -2.97
C ASN A 71 21.54 3.80 -3.84
N SER A 72 21.74 4.28 -5.06
CA SER A 72 20.64 4.64 -5.97
C SER A 72 19.75 3.48 -6.43
N VAL A 73 20.23 2.26 -6.27
CA VAL A 73 19.49 1.08 -6.66
C VAL A 73 18.76 0.38 -5.51
N PHE A 74 19.48 0.03 -4.44
CA PHE A 74 18.91 -0.84 -3.38
C PHE A 74 18.56 -0.03 -2.13
N SER A 75 17.40 -0.32 -1.54
CA SER A 75 17.02 0.24 -0.26
C SER A 75 16.28 -0.82 0.59
N ILE A 76 16.31 -0.64 1.91
CA ILE A 76 15.55 -1.49 2.81
CA ILE A 76 15.58 -1.51 2.81
C ILE A 76 14.78 -0.61 3.79
N GLU A 77 13.53 -1.02 4.05
CA GLU A 77 12.56 -0.26 4.87
C GLU A 77 11.92 -1.13 5.96
N PRO A 78 12.42 -1.07 7.20
CA PRO A 78 11.74 -1.74 8.28
C PRO A 78 10.58 -0.86 8.73
N GLY A 79 9.49 -1.45 9.16
CA GLY A 79 8.33 -0.65 9.49
C GLY A 79 7.58 -1.32 10.60
N PHE A 80 6.80 -0.49 11.28
CA PHE A 80 6.00 -0.85 12.45
C PHE A 80 4.61 -0.33 12.17
N SER A 81 3.58 -1.16 12.37
CA SER A 81 2.19 -0.70 12.23
C SER A 81 1.26 -1.38 13.22
N LEU A 82 0.28 -0.63 13.66
CA LEU A 82 -0.75 -1.13 14.58
C LEU A 82 -2.05 -0.69 13.95
N GLU A 83 -3.00 -1.60 13.85
CA GLU A 83 -4.35 -1.20 13.48
C GLU A 83 -5.35 -1.52 14.58
N SER A 84 -6.33 -0.63 14.76
CA SER A 84 -7.39 -0.75 15.78
C SER A 84 -8.76 -0.60 15.09
N GLY A 85 -9.63 -1.61 15.21
CA GLY A 85 -10.92 -1.57 14.52
C GLY A 85 -12.04 -2.29 15.20
N SER A 86 -13.18 -2.32 14.49
CA SER A 86 -14.31 -3.17 14.80
C SER A 86 -13.92 -4.65 14.62
N SER A 87 -13.23 -4.96 13.52
CA SER A 87 -12.97 -6.36 13.13
C SER A 87 -11.48 -6.74 12.91
N ASN A 88 -10.68 -5.82 12.36
CA ASN A 88 -9.25 -6.06 12.19
C ASN A 88 -8.48 -5.35 13.29
N ASN A 89 -7.62 -6.09 13.99
CA ASN A 89 -6.86 -5.55 15.12
C ASN A 89 -5.59 -6.30 15.18
N ASN A 90 -4.53 -5.70 14.67
CA ASN A 90 -3.32 -6.41 14.40
C ASN A 90 -2.13 -5.53 14.55
N TYR A 91 -1.06 -6.17 14.95
CA TYR A 91 0.28 -5.62 14.93
C TYR A 91 0.94 -6.26 13.69
N ARG A 92 1.42 -5.41 12.79
CA ARG A 92 2.00 -5.88 11.53
C ARG A 92 3.29 -5.12 11.28
N PRO A 93 4.41 -5.60 11.85
CA PRO A 93 5.68 -5.01 11.49
C PRO A 93 6.04 -5.50 10.10
N TYR A 94 6.97 -4.84 9.42
CA TYR A 94 7.36 -5.33 8.09
C TYR A 94 8.76 -4.96 7.69
N LEU A 95 9.27 -5.65 6.68
CA LEU A 95 10.52 -5.30 6.01
C LEU A 95 10.27 -5.28 4.49
N ARG A 96 10.52 -4.14 3.86
CA ARG A 96 10.35 -4.00 2.41
C ARG A 96 11.70 -3.70 1.76
N GLY A 97 12.11 -4.54 0.83
CA GLY A 97 13.28 -4.25 0.01
C GLY A 97 12.88 -3.70 -1.33
N ARG A 98 13.64 -2.74 -1.83
CA ARG A 98 13.37 -2.13 -3.12
C ARG A 98 14.62 -2.09 -4.01
N ALA A 99 14.44 -2.41 -5.29
CA ALA A 99 15.51 -2.27 -6.29
C ALA A 99 15.01 -1.41 -7.44
N ASN A 100 15.65 -0.26 -7.66
CA ASN A 100 15.45 0.50 -8.90
C ASN A 100 16.22 -0.12 -10.06
N VAL A 101 15.53 -0.89 -10.88
CA VAL A 101 16.13 -1.55 -12.04
C VAL A 101 16.58 -0.52 -13.08
N THR A 102 15.68 0.40 -13.41
CA THR A 102 16.03 1.58 -14.19
C THR A 102 15.41 2.80 -13.50
N ASP A 103 15.60 3.98 -14.09
CA ASP A 103 15.00 5.20 -13.58
C ASP A 103 13.46 5.18 -13.61
N ASP A 104 12.89 4.38 -14.52
CA ASP A 104 11.43 4.24 -14.67
C ASP A 104 10.82 2.98 -14.07
N LEU A 105 11.65 2.02 -13.72
CA LEU A 105 11.19 0.68 -13.35
C LEU A 105 11.70 0.29 -11.99
N SER A 106 10.80 -0.07 -11.07
CA SER A 106 11.21 -0.53 -9.76
C SER A 106 10.50 -1.82 -9.35
N VAL A 107 11.16 -2.58 -8.47
CA VAL A 107 10.61 -3.81 -7.95
C VAL A 107 10.77 -3.81 -6.44
N ALA A 108 9.77 -4.30 -5.72
CA ALA A 108 9.90 -4.38 -4.24
C ALA A 108 9.37 -5.70 -3.75
N LEU A 109 9.83 -6.11 -2.59
CA LEU A 109 9.31 -7.26 -1.92
C LEU A 109 9.15 -6.88 -0.44
N ARG A 110 7.98 -7.21 0.11
CA ARG A 110 7.66 -6.90 1.50
C ARG A 110 7.26 -8.16 2.22
N TYR A 111 7.88 -8.41 3.39
CA TYR A 111 7.44 -9.43 4.34
C TYR A 111 6.77 -8.74 5.53
N ARG A 112 5.50 -9.09 5.77
CA ARG A 112 4.70 -8.45 6.80
CA ARG A 112 4.71 -8.46 6.82
C ARG A 112 3.93 -9.49 7.62
N PRO A 113 4.50 -9.95 8.72
CA PRO A 113 3.72 -10.84 9.54
C PRO A 113 2.56 -10.06 10.17
N TYR A 114 1.52 -10.77 10.61
CA TYR A 114 0.43 -10.11 11.33
C TYR A 114 0.17 -10.89 12.60
N PHE A 115 -0.01 -10.15 13.69
CA PHE A 115 -0.38 -10.73 14.98
C PHE A 115 -1.69 -10.02 15.29
N LYS A 116 -2.83 -10.66 14.95
CA LYS A 116 -4.16 -9.99 15.00
C LYS A 116 -5.23 -10.62 15.90
N ARG A 117 -6.12 -9.75 16.40
CA ARG A 117 -7.30 -10.14 17.19
C ARG A 117 -8.46 -9.18 16.92
N LYS A 130 -2.67 -15.25 13.69
CA LYS A 130 -1.43 -14.77 13.11
C LYS A 130 -1.06 -15.45 11.79
N GLY A 131 -0.17 -14.81 11.07
CA GLY A 131 0.22 -15.27 9.74
C GLY A 131 1.19 -14.27 9.16
N TYR A 132 1.23 -14.23 7.84
CA TYR A 132 2.04 -13.23 7.19
C TYR A 132 1.57 -12.98 5.79
N THR A 133 1.90 -11.79 5.28
CA THR A 133 1.84 -11.57 3.84
C THR A 133 3.21 -11.37 3.22
N LEU A 134 3.31 -11.79 1.96
CA LEU A 134 4.49 -11.53 1.15
C LEU A 134 3.96 -10.86 -0.12
N THR A 135 4.41 -9.64 -0.35
CA THR A 135 3.87 -8.77 -1.38
C THR A 135 5.01 -8.39 -2.31
N GLY A 136 4.85 -8.63 -3.59
CA GLY A 136 5.83 -8.16 -4.54
C GLY A 136 5.18 -7.14 -5.42
N ASN A 137 5.96 -6.16 -5.85
CA ASN A 137 5.47 -5.04 -6.64
C ASN A 137 6.43 -4.78 -7.80
N ILE A 138 5.84 -4.52 -8.97
CA ILE A 138 6.60 -4.02 -10.11
C ILE A 138 5.89 -2.79 -10.60
N ASP A 139 6.64 -1.71 -10.72
CA ASP A 139 6.08 -0.40 -11.06
C ASP A 139 6.86 0.27 -12.16
N TYR A 140 6.14 0.74 -13.15
CA TYR A 140 6.75 1.30 -14.34
C TYR A 140 6.14 2.64 -14.68
N THR A 141 6.97 3.67 -14.74
CA THR A 141 6.52 5.00 -15.05
C THR A 141 6.79 5.34 -16.50
N PHE A 142 5.76 5.86 -17.17
CA PHE A 142 5.90 6.19 -18.57
C PHE A 142 5.23 7.53 -18.86
N LEU A 143 5.70 8.16 -19.92
CA LEU A 143 5.15 9.46 -20.37
C LEU A 143 5.18 10.49 -19.24
N LYS A 144 6.24 10.42 -18.44
CA LYS A 144 6.46 11.27 -17.28
C LYS A 144 5.43 11.07 -16.18
N ASP A 145 4.13 11.11 -16.50
CA ASP A 145 3.09 11.25 -15.46
C ASP A 145 2.27 10.02 -15.13
N TYR A 146 2.40 8.97 -15.96
CA TYR A 146 1.71 7.71 -15.67
C TYR A 146 2.56 6.70 -14.93
N THR A 147 1.90 5.93 -14.07
CA THR A 147 2.52 4.77 -13.48
C THR A 147 1.59 3.59 -13.58
N ILE A 148 2.12 2.48 -14.10
CA ILE A 148 1.37 1.21 -14.06
C ILE A 148 2.10 0.30 -13.06
N GLY A 149 1.35 -0.30 -12.15
CA GLY A 149 1.90 -1.17 -11.12
C GLY A 149 1.22 -2.53 -11.04
N TYR A 150 2.00 -3.60 -10.99
CA TYR A 150 1.47 -4.94 -10.74
C TYR A 150 1.92 -5.34 -9.34
N GLU A 151 1.01 -5.93 -8.58
CA GLU A 151 1.24 -6.36 -7.21
C GLU A 151 0.71 -7.77 -7.06
N LEU A 152 1.57 -8.64 -6.56
CA LEU A 152 1.23 -10.02 -6.31
C LEU A 152 1.35 -10.17 -4.81
N GLU A 153 0.32 -10.70 -4.16
CA GLU A 153 0.33 -10.83 -2.72
C GLU A 153 -0.05 -12.22 -2.31
N TYR A 154 0.78 -12.79 -1.43
CA TYR A 154 0.59 -14.11 -0.92
C TYR A 154 0.33 -13.99 0.58
N LYS A 155 -0.82 -14.51 1.02
CA LYS A 155 -1.16 -14.47 2.44
C LYS A 155 -1.31 -15.88 2.96
N LYS A 156 -0.70 -16.13 4.11
CA LYS A 156 -0.77 -17.42 4.75
C LYS A 156 -1.08 -17.23 6.21
N GLY A 157 -2.10 -17.93 6.68
CA GLY A 157 -2.46 -17.92 8.11
C GLY A 157 -1.69 -18.95 8.90
N THR A 158 -1.64 -18.73 10.22
CA THR A 158 -1.25 -19.76 11.19
C THR A 158 -2.32 -19.82 12.30
N SER A 159 -3.43 -20.51 12.00
CA SER A 159 -4.56 -20.62 12.93
C SER A 159 -5.44 -21.82 12.59
N TYR A 170 -3.78 -20.82 1.86
CA TYR A 170 -3.22 -19.53 1.50
C TYR A 170 -4.09 -18.79 0.48
N ASP A 171 -3.99 -17.47 0.44
CA ASP A 171 -4.67 -16.67 -0.58
C ASP A 171 -3.68 -15.95 -1.47
N ILE A 172 -3.98 -15.90 -2.75
CA ILE A 172 -3.18 -15.11 -3.66
C ILE A 172 -4.03 -13.97 -4.25
N THR A 173 -3.43 -12.80 -4.30
CA THR A 173 -4.06 -11.61 -4.86
C THR A 173 -3.20 -11.08 -5.97
N HIS A 174 -3.84 -10.75 -7.08
CA HIS A 174 -3.22 -10.06 -8.20
C HIS A 174 -3.86 -8.71 -8.33
N ASN A 175 -3.06 -7.66 -8.36
CA ASN A 175 -3.59 -6.32 -8.46
C ASN A 175 -2.86 -5.48 -9.49
N VAL A 176 -3.63 -4.73 -10.28
CA VAL A 176 -3.10 -3.74 -11.22
C VAL A 176 -3.59 -2.33 -10.90
N LYS A 177 -2.66 -1.40 -10.78
CA LYS A 177 -2.98 -0.03 -10.42
C LYS A 177 -2.45 0.85 -11.53
N LEU A 178 -3.25 1.83 -11.94
CA LEU A 178 -2.83 2.82 -12.91
C LEU A 178 -3.04 4.20 -12.31
N SER A 179 -1.98 4.99 -12.21
CA SER A 179 -2.06 6.31 -11.63
C SER A 179 -1.60 7.36 -12.65
N TYR A 180 -2.12 8.57 -12.53
CA TYR A 180 -1.77 9.67 -13.40
C TYR A 180 -1.59 10.93 -12.56
N LYS A 181 -0.37 11.48 -12.63
CA LYS A 181 -0.02 12.74 -12.02
C LYS A 181 -0.61 13.86 -12.88
N TRP A 182 -1.82 14.26 -12.51
CA TRP A 182 -2.59 15.23 -13.26
C TRP A 182 -1.96 16.61 -13.17
N ASP A 183 -1.51 16.97 -11.98
CA ASP A 183 -0.61 18.09 -11.81
C ASP A 183 0.25 17.89 -10.57
N LYS A 184 0.95 18.94 -10.16
CA LYS A 184 1.89 18.92 -9.03
C LYS A 184 1.22 18.42 -7.72
N ASN A 185 -0.10 18.63 -7.60
CA ASN A 185 -0.83 18.25 -6.40
C ASN A 185 -1.72 17.02 -6.49
N TRP A 186 -2.32 16.74 -7.66
CA TRP A 186 -3.35 15.71 -7.76
C TRP A 186 -2.91 14.52 -8.56
N LYS A 187 -3.10 13.33 -7.99
CA LYS A 187 -2.76 12.06 -8.64
C LYS A 187 -3.95 11.11 -8.48
N PRO A 188 -4.91 11.17 -9.44
CA PRO A 188 -5.96 10.17 -9.45
C PRO A 188 -5.44 8.82 -9.90
N TYR A 189 -6.14 7.76 -9.47
CA TYR A 189 -5.80 6.42 -9.81
C TYR A 189 -6.95 5.44 -9.71
N VAL A 190 -6.76 4.31 -10.39
CA VAL A 190 -7.69 3.21 -10.41
C VAL A 190 -6.94 1.90 -10.21
N GLU A 191 -7.60 0.93 -9.58
CA GLU A 191 -7.02 -0.40 -9.40
C GLU A 191 -8.06 -1.44 -9.68
N VAL A 192 -7.61 -2.54 -10.27
CA VAL A 192 -8.47 -3.69 -10.48
C VAL A 192 -7.69 -4.89 -10.03
N GLY A 193 -8.30 -5.68 -9.17
CA GLY A 193 -7.64 -6.86 -8.66
C GLY A 193 -8.50 -8.10 -8.63
N ASN A 194 -7.84 -9.24 -8.57
CA ASN A 194 -8.54 -10.49 -8.36
CA ASN A 194 -8.49 -10.52 -8.41
C ASN A 194 -8.09 -11.10 -7.05
N VAL A 195 -9.08 -11.42 -6.23
CA VAL A 195 -8.83 -11.97 -4.92
C VAL A 195 -9.32 -13.42 -4.95
N SER A 196 -8.38 -14.35 -4.72
CA SER A 196 -8.63 -15.80 -4.75
C SER A 196 -8.24 -16.54 -3.45
N ARG A 204 -11.51 -15.70 -7.70
CA ARG A 204 -12.95 -15.86 -7.49
C ARG A 204 -13.72 -14.55 -7.71
N GLN A 205 -13.26 -13.46 -7.09
CA GLN A 205 -13.94 -12.16 -7.24
C GLN A 205 -13.03 -10.98 -7.60
N THR A 206 -13.64 -9.93 -8.16
CA THR A 206 -12.91 -8.74 -8.56
C THR A 206 -13.14 -7.61 -7.57
N ARG A 207 -12.03 -6.94 -7.28
CA ARG A 207 -11.95 -5.83 -6.34
C ARG A 207 -11.56 -4.60 -7.13
N TYR A 208 -12.40 -3.58 -7.04
CA TYR A 208 -12.21 -2.35 -7.77
C TYR A 208 -11.98 -1.22 -6.80
N ARG A 209 -10.97 -0.39 -7.08
CA ARG A 209 -10.68 0.80 -6.33
C ARG A 209 -10.55 2.00 -7.23
N VAL A 210 -11.09 3.12 -6.77
CA VAL A 210 -10.75 4.40 -7.35
C VAL A 210 -10.35 5.31 -6.21
N GLY A 211 -9.36 6.16 -6.48
CA GLY A 211 -8.92 7.10 -5.46
C GLY A 211 -8.20 8.28 -6.06
N VAL A 212 -7.78 9.18 -5.18
CA VAL A 212 -6.95 10.28 -5.57
C VAL A 212 -6.07 10.65 -4.41
N GLN A 213 -4.84 11.01 -4.74
CA GLN A 213 -3.84 11.42 -3.77
C GLN A 213 -3.54 12.89 -4.00
N TYR A 214 -3.70 13.69 -2.96
CA TYR A 214 -3.37 15.08 -2.98
C TYR A 214 -2.04 15.23 -2.25
N SER A 215 -1.09 15.91 -2.88
CA SER A 215 0.21 16.25 -2.29
C SER A 215 0.34 17.75 -2.10
N PHE A 216 0.80 18.14 -0.92
CA PHE A 216 1.07 19.55 -0.60
C PHE A 216 2.38 20.00 -1.18
N HIS A 217 2.42 21.21 -1.69
CA HIS A 217 3.67 21.89 -2.05
C HIS A 217 3.64 23.31 -1.60
C1 OCT B . -0.36 9.85 14.59
C2 OCT B . 0.41 9.83 13.28
C3 OCT B . -0.03 10.97 12.37
C4 OCT B . 0.57 10.90 10.95
C5 OCT B . 0.44 12.23 10.20
C6 OCT B . 1.34 12.27 8.95
C7 OCT B . 1.98 13.63 8.77
C8 OCT B . 3.18 13.76 9.69
C1 OCT C . 2.04 13.53 15.47
C2 OCT C . 2.67 14.86 15.13
C3 OCT C . 3.74 14.72 14.05
C4 OCT C . 4.76 13.66 14.46
C5 OCT C . 6.09 13.80 13.72
C6 OCT C . 7.22 13.17 14.51
C7 OCT C . 8.54 13.78 14.10
C8 OCT C . 8.84 13.40 12.66
C1 OCT D . -11.39 2.01 -22.85
C2 OCT D . -10.96 0.57 -23.08
C3 OCT D . -11.30 -0.35 -21.91
C4 OCT D . -10.07 -0.59 -21.01
C5 OCT D . -10.33 -1.82 -20.16
C6 OCT D . -9.35 -1.99 -19.01
C7 OCT D . -9.79 -3.18 -18.18
C8 OCT D . -8.81 -3.52 -17.06
C1 C8E E . 14.19 -7.48 0.32
C2 C8E E . 14.36 -7.90 1.77
C3 C8E E . 13.03 -8.06 2.50
C4 C8E E . 12.16 -9.12 1.84
C5 C8E E . 11.68 -10.18 2.82
C6 C8E E . 12.82 -11.08 3.31
C7 C8E E . 12.50 -12.57 3.48
C8 C8E E . 11.19 -13.08 2.88
O9 C8E E . 10.99 -14.47 3.16
C10 C8E E . 9.81 -15.02 2.56
C11 C8E E . 9.06 -15.93 3.53
O12 C8E E . 8.36 -16.95 2.79
C13 C8E E . 9.16 -18.12 2.58
C14 C8E E . 8.79 -18.85 1.28
O15 C8E E . 8.62 -17.94 0.19
C16 C8E E . 7.51 -18.30 -0.63
C17 C8E E . 7.41 -17.42 -1.88
O18 C8E E . 6.08 -17.45 -2.41
C19 C8E E . 5.68 -18.72 -2.95
C20 C8E E . 4.76 -19.43 -1.95
O21 C8E E . 5.25 -20.73 -1.58
C1 C8E F . 7.22 5.49 16.21
C2 C8E F . 6.43 4.36 16.83
C3 C8E F . 4.97 4.23 16.34
C4 C8E F . 4.27 5.54 16.11
C5 C8E F . 2.80 5.52 16.52
C6 C8E F . 2.25 6.96 16.58
C7 C8E F . 0.78 7.03 17.03
C8 C8E F . 0.63 7.32 18.53
O9 C8E F . -0.66 7.84 18.82
C10 C8E F . -1.33 7.27 19.96
C11 C8E F . -2.42 8.22 20.43
O12 C8E F . -3.73 7.70 20.15
C13 C8E F . -4.60 8.65 19.49
C14 C8E F . -6.06 8.19 19.56
O15 C8E F . -6.17 6.75 19.62
C16 C8E F . -6.98 6.15 18.61
C17 C8E F . -6.51 4.71 18.35
O18 C8E F . -5.33 4.75 17.54
C19 C8E F . -5.36 3.95 16.35
C20 C8E F . -4.15 3.01 16.30
O21 C8E F . -3.54 2.87 17.59
C1 C8E G . -9.32 13.70 1.75
C2 C8E G . -9.70 13.83 0.30
C3 C8E G . -8.51 13.67 -0.66
C4 C8E G . -7.44 14.74 -0.42
C5 C8E G . -7.92 16.15 -0.74
C6 C8E G . -7.92 17.09 0.47
C7 C8E G . -6.81 18.13 0.37
C8 C8E G . -7.11 19.37 1.22
O9 C8E G . -6.46 20.53 0.71
C10 C8E G . -7.16 21.06 -0.41
C11 C8E G . -6.55 22.31 -0.99
O12 C8E G . -6.88 22.38 -2.39
C13 C8E G . -8.28 22.32 -2.72
C14 C8E G . -8.87 23.72 -2.93
O15 C8E G . -10.29 23.58 -3.16
C16 C8E G . -11.07 23.39 -1.98
C17 C8E G . -11.96 22.18 -2.03
O18 C8E G . -12.31 21.84 -0.68
C19 C8E G . -12.40 20.45 -0.40
C20 C8E G . -11.30 20.06 0.56
O21 C8E G . -11.77 18.98 1.38
C1 C8E H . 8.86 -8.31 9.63
C2 C8E H . 9.76 -8.49 10.83
C3 C8E H . 11.12 -7.88 10.53
C4 C8E H . 11.01 -6.38 10.27
C5 C8E H . 11.64 -5.56 11.37
C6 C8E H . 10.64 -5.38 12.51
C7 C8E H . 10.03 -3.99 12.51
C8 C8E H . 9.28 -3.74 13.83
O9 C8E H . 10.15 -3.12 14.77
C10 C8E H . 9.55 -2.88 16.06
C11 C8E H . 10.04 -1.55 16.63
O12 C8E H . 9.10 -0.51 16.44
C13 C8E H . 9.65 0.81 16.45
C14 C8E H . 10.08 1.22 15.04
O15 C8E H . 9.57 2.51 14.66
C16 C8E H . 10.49 3.35 13.94
C17 C8E H . 10.58 3.00 12.46
O18 C8E H . 11.66 2.09 12.24
C19 C8E H . 11.24 0.76 11.91
C20 C8E H . 11.98 -0.27 12.76
O21 C8E H . 11.05 -1.22 13.31
C1 C8E I . 6.30 -3.00 -16.76
C2 C8E I . 5.58 -4.04 -15.91
C3 C8E I . 4.46 -3.44 -15.05
C4 C8E I . 3.09 -3.50 -15.72
C5 C8E I . 2.29 -4.77 -15.39
C6 C8E I . 0.79 -4.51 -15.48
C7 C8E I . 0.00 -5.68 -16.09
C8 C8E I . 0.20 -6.96 -15.29
O9 C8E I . -0.92 -7.83 -15.42
C10 C8E I . -0.78 -9.05 -14.69
C11 C8E I . -1.98 -9.17 -13.77
O12 C8E I . -2.50 -10.49 -13.80
C13 C8E I . -3.86 -10.49 -13.36
C14 C8E I . -4.37 -11.92 -13.37
O15 C8E I . -5.78 -11.90 -13.13
C16 C8E I . -6.18 -12.98 -12.30
C17 C8E I . -7.14 -13.87 -13.06
O18 C8E I . -7.92 -14.60 -12.10
C19 C8E I . -8.90 -15.42 -12.73
C20 C8E I . -10.20 -14.64 -12.82
O21 C8E I . -11.05 -14.94 -11.71
#